data_4P8O
#
_entry.id   4P8O
#
_cell.length_a   143.460
_cell.length_b   55.730
_cell.length_c   50.800
_cell.angle_alpha   90.000
_cell.angle_beta   100.420
_cell.angle_gamma   90.000
#
_symmetry.space_group_name_H-M   'C 1 2 1'
#
loop_
_entity.id
_entity.type
_entity.pdbx_description
1 polymer 'DNA gyrase subunit B'
2 non-polymer 1-ethyl-3-[5-(5-fluoropyridin-3-yl)-7-(pyrimidin-2-yl)-1H-benzimidazol-2-yl]urea
3 water water
#
_entity_poly.entity_id   1
_entity_poly.type   'polypeptide(L)'
_entity_poly.pdbx_seq_one_letter_code
;MEGLEAVRKRPGMYIGSTSERGLHHLVWEIVDNSIDEALAGYANQIEVVIEKDNWIKVTDNGRGIPVDIQEKMGRPAVEV
ILTSSVVNALSQDLEVYVHRNETIYHQAYKKGVPQFDLKEVGTTDKTGTVIRFKADGEIFTETTVYNYETLQQRIRELAF
LNKGIQITLRDERDEENVREDSYHYEG
;
_entity_poly.pdbx_strand_id   A,B
#
# COMPACT_ATOMS: atom_id res chain seq x y z
N GLY A 3 -9.20 -31.84 24.11
CA GLY A 3 -9.29 -30.38 24.11
C GLY A 3 -9.30 -29.78 22.73
N LEU A 4 -8.17 -29.87 22.02
CA LEU A 4 -8.03 -29.34 20.67
C LEU A 4 -8.43 -30.35 19.58
N GLU A 5 -8.41 -31.67 19.89
CA GLU A 5 -8.83 -32.73 18.97
C GLU A 5 -10.36 -32.72 18.80
N ALA A 6 -11.10 -32.23 19.83
CA ALA A 6 -12.56 -32.06 19.86
C ALA A 6 -13.02 -30.99 18.86
N VAL A 7 -12.19 -29.95 18.64
CA VAL A 7 -12.43 -28.85 17.71
C VAL A 7 -12.33 -29.34 16.25
N ARG A 8 -11.46 -30.34 16.01
CA ARG A 8 -11.24 -30.91 14.69
C ARG A 8 -12.30 -31.95 14.30
N LYS A 9 -12.93 -32.58 15.29
CA LYS A 9 -13.96 -33.59 15.05
C LYS A 9 -15.35 -32.95 14.95
N ARG A 10 -15.59 -31.86 15.71
CA ARG A 10 -16.85 -31.09 15.67
C ARG A 10 -16.55 -29.62 15.28
N PRO A 11 -16.03 -29.30 14.06
CA PRO A 11 -15.68 -27.89 13.76
C PRO A 11 -16.83 -26.89 13.87
N GLY A 12 -18.01 -27.28 13.36
CA GLY A 12 -19.23 -26.49 13.36
C GLY A 12 -19.75 -26.12 14.73
N MET A 13 -19.44 -26.95 15.72
CA MET A 13 -19.76 -26.74 17.14
C MET A 13 -19.02 -25.55 17.73
N TYR A 14 -17.88 -25.16 17.11
CA TYR A 14 -17.04 -24.04 17.54
C TYR A 14 -17.13 -22.81 16.66
N ILE A 15 -17.24 -22.99 15.32
CA ILE A 15 -17.27 -21.87 14.37
C ILE A 15 -18.58 -21.75 13.54
N GLY A 16 -19.48 -22.73 13.67
CA GLY A 16 -20.77 -22.70 12.99
C GLY A 16 -20.94 -23.60 11.78
N SER A 17 -19.92 -23.68 10.90
CA SER A 17 -19.95 -24.47 9.66
C SER A 17 -18.54 -24.61 9.10
N THR A 18 -18.34 -25.53 8.15
CA THR A 18 -17.05 -25.70 7.49
C THR A 18 -17.14 -25.20 6.08
N SER A 19 -18.13 -24.29 5.82
CA SER A 19 -18.43 -23.63 4.55
C SER A 19 -17.63 -22.35 4.46
N GLU A 20 -17.93 -21.49 3.45
CA GLU A 20 -17.29 -20.19 3.21
C GLU A 20 -17.42 -19.27 4.44
N ARG A 21 -18.59 -19.29 5.10
CA ARG A 21 -18.90 -18.55 6.32
C ARG A 21 -17.89 -18.89 7.44
N GLY A 22 -17.69 -20.20 7.71
CA GLY A 22 -16.77 -20.69 8.73
C GLY A 22 -15.33 -20.31 8.43
N LEU A 23 -14.92 -20.45 7.17
CA LEU A 23 -13.59 -20.11 6.70
C LEU A 23 -13.25 -18.64 7.01
N HIS A 24 -14.21 -17.73 6.74
CA HIS A 24 -14.04 -16.30 7.02
C HIS A 24 -14.10 -15.98 8.53
N HIS A 25 -14.84 -16.78 9.34
CA HIS A 25 -14.97 -16.64 10.80
C HIS A 25 -13.61 -16.76 11.49
N LEU A 26 -12.71 -17.61 10.93
CA LEU A 26 -11.32 -17.81 11.36
C LEU A 26 -10.58 -16.47 11.38
N VAL A 27 -10.74 -15.66 10.30
CA VAL A 27 -10.12 -14.34 10.16
C VAL A 27 -10.66 -13.43 11.27
N TRP A 28 -11.95 -13.43 11.42
CA TRP A 28 -12.64 -12.64 12.44
C TRP A 28 -12.21 -12.98 13.85
N GLU A 29 -11.91 -14.27 14.15
CA GLU A 29 -11.46 -14.70 15.46
C GLU A 29 -10.04 -14.21 15.78
N ILE A 30 -9.19 -14.00 14.76
CA ILE A 30 -7.84 -13.47 14.93
C ILE A 30 -7.91 -11.91 15.03
N VAL A 31 -8.59 -11.25 14.06
CA VAL A 31 -8.82 -9.80 14.04
C VAL A 31 -9.41 -9.30 15.38
N ASP A 32 -10.38 -10.06 15.97
CA ASP A 32 -11.01 -9.72 17.25
C ASP A 32 -10.02 -9.57 18.39
N ASN A 33 -8.92 -10.34 18.36
CA ASN A 33 -7.85 -10.27 19.37
C ASN A 33 -7.07 -8.99 19.27
N SER A 34 -6.77 -8.54 18.04
CA SER A 34 -6.11 -7.27 17.74
C SER A 34 -7.02 -6.12 18.14
N ILE A 35 -8.35 -6.23 17.87
CA ILE A 35 -9.39 -5.26 18.30
C ILE A 35 -9.40 -5.14 19.82
N ASP A 36 -9.36 -6.29 20.55
CA ASP A 36 -9.31 -6.30 22.03
C ASP A 36 -8.07 -5.54 22.50
N GLU A 37 -6.90 -5.79 21.83
CA GLU A 37 -5.62 -5.13 22.16
C GLU A 37 -5.67 -3.60 21.88
N ALA A 38 -6.48 -3.18 20.89
CA ALA A 38 -6.72 -1.76 20.59
C ALA A 38 -7.66 -1.17 21.65
N LEU A 39 -8.75 -1.90 22.02
CA LEU A 39 -9.68 -1.45 23.08
C LEU A 39 -9.00 -1.40 24.44
N ALA A 40 -8.00 -2.23 24.67
CA ALA A 40 -7.21 -2.19 25.92
C ALA A 40 -6.32 -0.91 26.00
N GLY A 41 -6.05 -0.29 24.85
CA GLY A 41 -5.29 0.95 24.72
C GLY A 41 -3.87 0.83 24.21
N TYR A 42 -3.53 -0.26 23.55
CA TYR A 42 -2.14 -0.51 23.15
C TYR A 42 -1.88 -0.58 21.67
N ALA A 43 -2.86 -1.00 20.90
CA ALA A 43 -2.68 -1.13 19.48
C ALA A 43 -3.51 -0.05 18.81
N ASN A 44 -3.05 0.40 17.67
CA ASN A 44 -3.74 1.43 16.88
C ASN A 44 -3.63 1.14 15.38
N GLN A 45 -2.94 0.03 15.05
CA GLN A 45 -2.74 -0.42 13.68
C GLN A 45 -2.94 -1.91 13.56
N ILE A 46 -3.89 -2.32 12.70
CA ILE A 46 -4.21 -3.72 12.41
C ILE A 46 -4.02 -3.94 10.92
N GLU A 47 -3.39 -5.04 10.51
CA GLU A 47 -3.18 -5.36 9.11
C GLU A 47 -3.58 -6.80 8.85
N VAL A 48 -4.47 -6.99 7.85
CA VAL A 48 -4.98 -8.28 7.37
C VAL A 48 -4.45 -8.46 5.95
N VAL A 49 -3.68 -9.54 5.71
CA VAL A 49 -3.11 -9.83 4.41
C VAL A 49 -3.58 -11.19 3.88
N ILE A 50 -4.20 -11.22 2.69
CA ILE A 50 -4.54 -12.49 2.05
C ILE A 50 -3.29 -12.77 1.23
N GLU A 51 -2.49 -13.70 1.70
CA GLU A 51 -1.22 -14.06 1.06
C GLU A 51 -1.43 -15.20 0.13
N LYS A 52 -0.39 -15.51 -0.66
CA LYS A 52 -0.29 -16.62 -1.61
C LYS A 52 -0.78 -17.91 -0.98
N ASP A 53 -1.49 -18.72 -1.77
CA ASP A 53 -2.06 -20.01 -1.36
C ASP A 53 -3.05 -19.84 -0.18
N ASN A 54 -3.72 -18.66 -0.12
CA ASN A 54 -4.79 -18.30 0.83
C ASN A 54 -4.39 -18.49 2.30
N TRP A 55 -3.21 -17.97 2.61
CA TRP A 55 -2.75 -17.89 3.97
C TRP A 55 -3.27 -16.53 4.42
N ILE A 56 -3.61 -16.39 5.69
CA ILE A 56 -4.05 -15.10 6.21
C ILE A 56 -2.97 -14.64 7.20
N LYS A 57 -2.52 -13.37 7.08
CA LYS A 57 -1.58 -12.80 8.04
C LYS A 57 -2.24 -11.61 8.75
N VAL A 58 -2.40 -11.72 10.07
CA VAL A 58 -2.96 -10.65 10.86
C VAL A 58 -1.83 -10.09 11.76
N THR A 59 -1.65 -8.75 11.72
CA THR A 59 -0.61 -8.03 12.46
C THR A 59 -1.20 -6.87 13.23
N ASP A 60 -0.77 -6.72 14.49
CA ASP A 60 -1.10 -5.56 15.28
C ASP A 60 0.16 -4.97 15.92
N ASN A 61 0.06 -3.74 16.41
CA ASN A 61 1.19 -3.08 17.06
C ASN A 61 0.88 -2.89 18.57
N GLY A 62 0.27 -3.91 19.19
CA GLY A 62 -0.01 -3.88 20.62
C GLY A 62 1.21 -4.31 21.41
N ARG A 63 1.02 -4.78 22.63
CA ARG A 63 2.09 -5.22 23.53
C ARG A 63 2.82 -6.52 23.11
N GLY A 64 2.20 -7.31 22.24
CA GLY A 64 2.72 -8.63 21.86
C GLY A 64 2.17 -9.64 22.86
N ILE A 65 1.62 -10.80 22.38
CA ILE A 65 1.09 -11.85 23.29
C ILE A 65 2.22 -12.21 24.33
N PRO A 66 1.92 -12.31 25.65
CA PRO A 66 2.99 -12.62 26.62
C PRO A 66 3.71 -13.93 26.33
N VAL A 67 5.02 -13.99 26.64
CA VAL A 67 5.89 -15.14 26.35
C VAL A 67 6.47 -15.79 27.63
N ASP A 68 6.13 -15.21 28.81
CA ASP A 68 6.61 -15.69 30.09
C ASP A 68 6.06 -17.08 30.38
N ILE A 69 6.92 -17.91 31.02
CA ILE A 69 6.70 -19.29 31.41
C ILE A 69 5.69 -19.26 32.52
N GLN A 70 4.75 -20.21 32.47
CA GLN A 70 3.63 -20.26 33.40
C GLN A 70 3.78 -21.21 34.58
N GLU A 71 3.06 -20.84 35.65
CA GLU A 71 2.89 -21.51 36.94
C GLU A 71 2.17 -22.85 36.73
N LYS A 72 1.17 -22.84 35.83
CA LYS A 72 0.31 -23.99 35.53
C LYS A 72 0.99 -25.04 34.62
N MET A 73 1.46 -24.63 33.41
CA MET A 73 2.03 -25.54 32.42
C MET A 73 3.56 -25.77 32.49
N GLY A 74 4.32 -24.68 32.60
CA GLY A 74 5.77 -24.68 32.49
C GLY A 74 6.10 -24.36 31.04
N ARG A 75 5.06 -23.88 30.32
CA ARG A 75 5.10 -23.48 28.91
C ARG A 75 4.88 -21.97 28.74
N PRO A 76 5.47 -21.32 27.71
CA PRO A 76 5.22 -19.87 27.53
C PRO A 76 3.75 -19.54 27.39
N ALA A 77 3.29 -18.40 27.95
CA ALA A 77 1.90 -17.92 27.85
C ALA A 77 1.34 -18.01 26.39
N VAL A 78 2.13 -17.58 25.38
CA VAL A 78 1.71 -17.63 23.97
C VAL A 78 1.39 -19.08 23.50
N GLU A 79 2.21 -20.08 23.90
CA GLU A 79 1.99 -21.50 23.54
C GLU A 79 0.71 -22.00 24.22
N VAL A 80 0.47 -21.61 25.47
CA VAL A 80 -0.75 -21.98 26.23
C VAL A 80 -1.99 -21.42 25.49
N ILE A 81 -1.93 -20.13 25.12
CA ILE A 81 -2.99 -19.42 24.41
C ILE A 81 -3.28 -20.05 23.05
N LEU A 82 -2.24 -20.32 22.26
CA LEU A 82 -2.39 -20.88 20.92
C LEU A 82 -2.80 -22.36 20.89
N THR A 83 -2.42 -23.15 21.91
CA THR A 83 -2.83 -24.56 21.97
C THR A 83 -4.28 -24.71 22.46
N SER A 84 -4.98 -23.59 22.79
CA SER A 84 -6.40 -23.56 23.18
C SER A 84 -7.21 -22.79 22.11
N SER A 85 -6.54 -22.41 21.02
CA SER A 85 -7.09 -21.66 19.89
C SER A 85 -7.78 -22.55 18.87
N VAL A 86 -9.04 -22.22 18.57
CA VAL A 86 -9.90 -22.92 17.61
C VAL A 86 -9.31 -22.72 16.19
N VAL A 87 -8.83 -21.49 15.89
CA VAL A 87 -8.22 -21.14 14.59
C VAL A 87 -6.99 -22.03 14.40
N ASN A 88 -6.18 -22.18 15.47
CA ASN A 88 -5.00 -23.03 15.48
C ASN A 88 -5.33 -24.49 15.23
N ALA A 89 -6.37 -25.01 15.90
CA ALA A 89 -6.88 -26.38 15.73
C ALA A 89 -7.36 -26.63 14.31
N LEU A 90 -7.97 -25.61 13.67
CA LEU A 90 -8.57 -25.74 12.32
C LEU A 90 -7.63 -25.30 11.19
N SER A 91 -6.35 -25.06 11.51
CA SER A 91 -5.34 -24.64 10.53
C SER A 91 -4.35 -25.76 10.29
N GLN A 92 -4.08 -26.10 9.02
CA GLN A 92 -3.09 -27.15 8.73
C GLN A 92 -1.70 -26.68 9.12
N ASP A 93 -1.52 -25.34 9.13
CA ASP A 93 -0.30 -24.62 9.54
C ASP A 93 -0.68 -23.28 10.13
N LEU A 94 0.01 -22.90 11.21
CA LEU A 94 -0.13 -21.61 11.88
C LEU A 94 1.21 -21.23 12.46
N GLU A 95 1.58 -19.94 12.33
CA GLU A 95 2.82 -19.36 12.85
C GLU A 95 2.53 -18.16 13.70
N VAL A 96 3.35 -17.97 14.73
CA VAL A 96 3.25 -16.78 15.56
C VAL A 96 4.60 -16.09 15.62
N TYR A 97 4.57 -14.77 15.62
CA TYR A 97 5.72 -13.91 15.82
C TYR A 97 5.32 -12.89 16.85
N VAL A 98 6.04 -12.86 17.96
CA VAL A 98 5.77 -11.88 19.01
C VAL A 98 6.97 -10.95 19.08
N HIS A 99 6.71 -9.64 18.95
CA HIS A 99 7.70 -8.59 19.10
C HIS A 99 7.42 -8.08 20.50
N ARG A 100 8.36 -8.34 21.42
CA ARG A 100 8.19 -7.99 22.83
C ARG A 100 9.54 -8.11 23.51
N ASN A 101 9.84 -7.19 24.46
CA ASN A 101 11.10 -7.22 25.20
C ASN A 101 12.31 -7.07 24.25
N GLU A 102 12.16 -6.27 23.19
CA GLU A 102 13.21 -6.03 22.17
C GLU A 102 13.59 -7.32 21.38
N THR A 103 12.81 -8.39 21.54
CA THR A 103 13.04 -9.69 20.94
C THR A 103 11.89 -10.10 20.03
N ILE A 104 12.21 -10.95 19.03
CA ILE A 104 11.24 -11.52 18.12
C ILE A 104 11.22 -13.02 18.49
N TYR A 105 10.05 -13.49 18.89
CA TYR A 105 9.81 -14.87 19.30
C TYR A 105 8.97 -15.53 18.25
N HIS A 106 9.24 -16.81 17.98
CA HIS A 106 8.53 -17.55 16.95
C HIS A 106 8.16 -18.97 17.36
N GLN A 107 6.98 -19.40 16.94
CA GLN A 107 6.49 -20.76 17.10
C GLN A 107 5.60 -21.08 15.93
N ALA A 108 5.68 -22.32 15.43
CA ALA A 108 4.81 -22.82 14.39
C ALA A 108 4.08 -24.07 14.93
N TYR A 109 2.87 -24.28 14.42
CA TYR A 109 1.96 -25.37 14.76
C TYR A 109 1.44 -26.01 13.49
N LYS A 110 1.00 -27.27 13.59
CA LYS A 110 0.36 -28.04 12.52
C LYS A 110 -0.84 -28.69 13.17
N LYS A 111 -2.05 -28.25 12.80
CA LYS A 111 -3.33 -28.73 13.36
C LYS A 111 -3.38 -28.52 14.89
N GLY A 112 -2.90 -27.34 15.32
CA GLY A 112 -2.84 -26.90 16.71
C GLY A 112 -1.69 -27.44 17.54
N VAL A 113 -0.89 -28.37 16.96
CA VAL A 113 0.24 -29.04 17.62
C VAL A 113 1.56 -28.25 17.38
N PRO A 114 2.27 -27.85 18.46
CA PRO A 114 3.55 -27.10 18.28
C PRO A 114 4.63 -27.92 17.55
N GLN A 115 5.29 -27.34 16.55
CA GLN A 115 6.32 -28.07 15.80
C GLN A 115 7.69 -27.98 16.46
N PHE A 116 7.87 -26.97 17.32
CA PHE A 116 9.10 -26.71 18.09
C PHE A 116 8.76 -25.74 19.23
N ASP A 117 9.68 -25.61 20.19
CA ASP A 117 9.53 -24.70 21.32
C ASP A 117 9.71 -23.29 20.85
N LEU A 118 9.06 -22.33 21.53
CA LEU A 118 9.14 -20.91 21.23
C LEU A 118 10.59 -20.49 21.20
N LYS A 119 11.03 -19.87 20.10
CA LYS A 119 12.43 -19.47 19.99
C LYS A 119 12.60 -18.01 19.65
N GLU A 120 13.71 -17.43 20.10
CA GLU A 120 14.11 -16.06 19.80
C GLU A 120 14.76 -16.15 18.44
N VAL A 121 14.26 -15.37 17.49
CA VAL A 121 14.70 -15.41 16.10
C VAL A 121 15.19 -14.04 15.61
N GLY A 122 15.18 -13.06 16.49
CA GLY A 122 15.64 -11.72 16.17
C GLY A 122 15.44 -10.69 17.27
N THR A 123 15.85 -9.46 16.96
CA THR A 123 15.80 -8.27 17.81
C THR A 123 14.81 -7.28 17.17
N THR A 124 14.21 -6.40 17.99
CA THR A 124 13.23 -5.43 17.52
C THR A 124 13.15 -4.22 18.44
N ASP A 125 12.71 -3.07 17.87
CA ASP A 125 12.46 -1.83 18.57
C ASP A 125 10.92 -1.62 18.65
N LYS A 126 10.15 -2.53 18.00
CA LYS A 126 8.68 -2.49 17.98
C LYS A 126 8.06 -3.52 18.93
N THR A 127 6.73 -3.43 19.12
CA THR A 127 5.96 -4.41 19.89
C THR A 127 4.78 -4.82 18.99
N GLY A 128 4.18 -5.98 19.27
CA GLY A 128 3.05 -6.48 18.52
C GLY A 128 3.09 -7.96 18.30
N THR A 129 2.01 -8.48 17.69
CA THR A 129 1.79 -9.89 17.37
C THR A 129 1.50 -10.03 15.87
N VAL A 130 2.01 -11.12 15.28
CA VAL A 130 1.80 -11.55 13.90
C VAL A 130 1.31 -12.99 14.01
N ILE A 131 0.14 -13.29 13.38
CA ILE A 131 -0.44 -14.60 13.26
C ILE A 131 -0.70 -14.89 11.77
N ARG A 132 -0.05 -15.93 11.23
CA ARG A 132 -0.19 -16.40 9.86
C ARG A 132 -0.80 -17.77 9.99
N PHE A 133 -1.85 -18.07 9.22
CA PHE A 133 -2.47 -19.40 9.20
C PHE A 133 -3.01 -19.79 7.86
N LYS A 134 -2.96 -21.11 7.59
CA LYS A 134 -3.45 -21.75 6.38
C LYS A 134 -4.52 -22.74 6.85
N ALA A 135 -5.82 -22.38 6.61
CA ALA A 135 -7.00 -23.20 7.00
C ALA A 135 -6.83 -24.63 6.52
N ASP A 136 -7.17 -25.60 7.38
CA ASP A 136 -7.04 -27.02 7.04
C ASP A 136 -8.00 -27.37 5.91
N GLY A 137 -7.41 -27.79 4.78
CA GLY A 137 -8.09 -28.21 3.56
C GLY A 137 -8.87 -29.49 3.69
N GLU A 138 -8.65 -30.23 4.79
CA GLU A 138 -9.39 -31.45 5.08
C GLU A 138 -10.68 -31.07 5.83
N ILE A 139 -10.65 -30.00 6.67
CA ILE A 139 -11.80 -29.48 7.44
C ILE A 139 -12.67 -28.67 6.46
N PHE A 140 -12.03 -27.73 5.74
CA PHE A 140 -12.67 -26.80 4.82
C PHE A 140 -12.66 -27.38 3.42
N THR A 141 -13.71 -28.16 3.13
CA THR A 141 -13.86 -28.92 1.90
C THR A 141 -14.52 -28.12 0.77
N GLU A 142 -15.54 -27.30 1.09
CA GLU A 142 -16.29 -26.54 0.09
C GLU A 142 -15.38 -25.55 -0.64
N THR A 143 -14.65 -24.73 0.15
CA THR A 143 -13.70 -23.73 -0.33
C THR A 143 -12.70 -23.35 0.75
N THR A 144 -11.49 -23.04 0.33
CA THR A 144 -10.41 -22.54 1.18
C THR A 144 -9.97 -21.20 0.57
N VAL A 145 -10.75 -20.69 -0.39
CA VAL A 145 -10.49 -19.45 -1.09
C VAL A 145 -11.21 -18.28 -0.41
N TYR A 146 -10.45 -17.30 0.06
CA TYR A 146 -11.03 -16.11 0.68
C TYR A 146 -11.68 -15.16 -0.34
N ASN A 147 -12.71 -14.43 0.10
CA ASN A 147 -13.36 -13.44 -0.73
C ASN A 147 -12.99 -12.08 -0.18
N TYR A 148 -12.38 -11.24 -1.02
CA TYR A 148 -11.91 -9.89 -0.69
C TYR A 148 -13.02 -8.94 -0.20
N GLU A 149 -14.12 -8.87 -0.94
CA GLU A 149 -15.29 -8.04 -0.66
C GLU A 149 -15.91 -8.35 0.71
N THR A 150 -15.97 -9.63 1.10
CA THR A 150 -16.46 -10.08 2.41
C THR A 150 -15.53 -9.55 3.53
N LEU A 151 -14.22 -9.66 3.34
CA LEU A 151 -13.27 -9.17 4.35
C LEU A 151 -13.23 -7.67 4.42
N GLN A 152 -13.29 -7.00 3.26
CA GLN A 152 -13.27 -5.55 3.14
C GLN A 152 -14.50 -4.90 3.80
N GLN A 153 -15.69 -5.43 3.49
CA GLN A 153 -16.96 -4.95 4.01
C GLN A 153 -16.94 -4.93 5.55
N ARG A 154 -16.42 -6.02 6.18
CA ARG A 154 -16.30 -6.15 7.64
C ARG A 154 -15.15 -5.34 8.25
N ILE A 155 -14.03 -5.24 7.54
CA ILE A 155 -12.87 -4.48 8.03
C ILE A 155 -13.23 -2.99 8.14
N ARG A 156 -14.02 -2.47 7.15
CA ARG A 156 -14.49 -1.08 7.10
C ARG A 156 -15.48 -0.78 8.27
N GLU A 157 -16.32 -1.77 8.61
CA GLU A 157 -17.27 -1.65 9.73
C GLU A 157 -16.51 -1.63 11.06
N LEU A 158 -15.49 -2.50 11.20
CA LEU A 158 -14.65 -2.55 12.40
C LEU A 158 -13.89 -1.23 12.61
N ALA A 159 -13.37 -0.63 11.48
CA ALA A 159 -12.67 0.65 11.52
C ALA A 159 -13.62 1.79 11.93
N PHE A 160 -14.91 1.64 11.60
CA PHE A 160 -15.91 2.61 11.93
C PHE A 160 -16.39 2.47 13.36
N LEU A 161 -16.38 1.22 13.90
CA LEU A 161 -16.76 0.90 15.28
C LEU A 161 -15.63 1.27 16.27
N ASN A 162 -14.39 1.27 15.78
CA ASN A 162 -13.19 1.54 16.54
C ASN A 162 -12.48 2.68 15.83
N LYS A 163 -13.01 3.91 15.88
CA LYS A 163 -12.40 5.08 15.22
C LYS A 163 -11.06 5.41 15.84
N GLY A 164 -10.10 5.75 15.01
CA GLY A 164 -8.73 6.02 15.40
C GLY A 164 -7.81 4.84 15.15
N ILE A 165 -8.38 3.64 14.93
CA ILE A 165 -7.57 2.43 14.68
C ILE A 165 -7.44 2.29 13.16
N GLN A 166 -6.21 2.16 12.71
CA GLN A 166 -5.97 1.99 11.29
C GLN A 166 -6.05 0.51 10.96
N ILE A 167 -7.05 0.14 10.13
CA ILE A 167 -7.19 -1.25 9.71
C ILE A 167 -6.96 -1.35 8.20
N THR A 168 -5.98 -2.17 7.80
CA THR A 168 -5.58 -2.36 6.41
C THR A 168 -5.85 -3.80 5.94
N LEU A 169 -6.39 -3.92 4.72
CA LEU A 169 -6.59 -5.18 4.06
C LEU A 169 -5.79 -5.18 2.75
N ARG A 170 -5.00 -6.24 2.53
CA ARG A 170 -4.18 -6.37 1.34
C ARG A 170 -4.35 -7.75 0.73
N ASP A 171 -4.48 -7.81 -0.58
CA ASP A 171 -4.58 -9.06 -1.31
C ASP A 171 -3.30 -9.23 -2.14
N GLU A 172 -2.50 -10.20 -1.72
CA GLU A 172 -1.21 -10.54 -2.31
C GLU A 172 -1.23 -11.89 -3.04
N ARG A 173 -2.41 -12.46 -3.25
CA ARG A 173 -2.58 -13.77 -3.92
C ARG A 173 -2.11 -13.75 -5.36
N ASP A 174 -2.24 -12.58 -6.03
CA ASP A 174 -1.74 -12.35 -7.38
C ASP A 174 -0.63 -11.33 -7.15
N GLU A 175 0.64 -11.79 -7.16
CA GLU A 175 1.80 -10.94 -6.89
C GLU A 175 2.04 -9.82 -7.96
N GLU A 176 1.45 -9.97 -9.15
CA GLU A 176 1.55 -9.00 -10.25
C GLU A 176 0.50 -7.90 -10.15
N ASN A 177 -0.53 -8.11 -9.32
CA ASN A 177 -1.64 -7.18 -9.17
C ASN A 177 -2.07 -7.29 -7.75
N VAL A 178 -1.50 -6.45 -6.89
CA VAL A 178 -1.74 -6.40 -5.44
C VAL A 178 -2.73 -5.26 -5.19
N ARG A 179 -3.73 -5.51 -4.36
CA ARG A 179 -4.82 -4.60 -4.02
C ARG A 179 -4.81 -4.34 -2.53
N GLU A 180 -4.97 -3.08 -2.14
CA GLU A 180 -4.97 -2.65 -0.76
C GLU A 180 -6.03 -1.59 -0.46
N ASP A 181 -6.71 -1.77 0.67
CA ASP A 181 -7.73 -0.84 1.18
C ASP A 181 -7.38 -0.57 2.64
N SER A 182 -7.12 0.68 2.95
CA SER A 182 -6.75 1.09 4.29
C SER A 182 -7.80 2.02 4.87
N TYR A 183 -8.32 1.66 6.04
CA TYR A 183 -9.37 2.39 6.75
C TYR A 183 -8.85 3.00 8.03
N HIS A 184 -9.21 4.25 8.27
CA HIS A 184 -8.78 4.99 9.42
C HIS A 184 -9.75 6.14 9.67
N TYR A 185 -10.78 5.86 10.45
CA TYR A 185 -11.76 6.90 10.76
C TYR A 185 -11.25 7.80 11.87
N GLU A 186 -11.50 9.12 11.76
CA GLU A 186 -11.01 10.11 12.74
C GLU A 186 -11.81 10.03 14.02
N GLY B 3 5.06 30.90 -26.54
CA GLY B 3 5.46 29.52 -26.29
C GLY B 3 4.56 28.87 -25.26
N LEU B 4 4.60 29.40 -24.03
CA LEU B 4 3.78 28.93 -22.91
C LEU B 4 2.35 29.43 -23.10
N GLU B 5 2.19 30.69 -23.61
CA GLU B 5 0.92 31.33 -23.97
C GLU B 5 0.24 30.52 -25.11
N ALA B 6 1.03 29.97 -26.07
CA ALA B 6 0.48 29.21 -27.22
C ALA B 6 -0.27 27.96 -26.77
N VAL B 7 0.30 27.22 -25.79
CA VAL B 7 -0.26 25.99 -25.22
C VAL B 7 -1.56 26.29 -24.47
N ARG B 8 -1.57 27.33 -23.63
CA ARG B 8 -2.72 27.76 -22.84
C ARG B 8 -3.86 28.32 -23.71
N LYS B 9 -3.52 28.84 -24.93
CA LYS B 9 -4.48 29.39 -25.90
C LYS B 9 -5.19 28.28 -26.69
N ARG B 10 -4.48 27.20 -27.09
CA ARG B 10 -5.05 26.08 -27.87
C ARG B 10 -4.69 24.74 -27.20
N PRO B 11 -5.22 24.52 -25.97
CA PRO B 11 -4.87 23.30 -25.22
C PRO B 11 -5.11 21.98 -25.95
N GLY B 12 -6.26 21.88 -26.62
CA GLY B 12 -6.71 20.71 -27.37
C GLY B 12 -5.81 20.33 -28.53
N MET B 13 -5.07 21.30 -29.11
CA MET B 13 -4.11 21.01 -30.19
C MET B 13 -2.91 20.19 -29.68
N TYR B 14 -2.59 20.37 -28.39
CA TYR B 14 -1.49 19.71 -27.69
C TYR B 14 -1.91 18.38 -27.04
N ILE B 15 -3.04 18.37 -26.30
CA ILE B 15 -3.49 17.19 -25.55
C ILE B 15 -4.80 16.51 -26.07
N GLY B 16 -5.32 16.98 -27.20
CA GLY B 16 -6.53 16.39 -27.78
C GLY B 16 -7.81 17.10 -27.39
N SER B 17 -8.06 17.24 -26.06
CA SER B 17 -9.28 17.86 -25.50
C SER B 17 -9.04 18.49 -24.12
N THR B 18 -10.00 19.30 -23.63
CA THR B 18 -9.96 19.94 -22.30
C THR B 18 -10.98 19.27 -21.37
N SER B 19 -11.58 18.18 -21.86
CA SER B 19 -12.56 17.33 -21.16
C SER B 19 -11.83 16.41 -20.23
N GLU B 20 -12.54 15.40 -19.68
CA GLU B 20 -12.04 14.38 -18.77
C GLU B 20 -10.87 13.61 -19.39
N ARG B 21 -10.96 13.29 -20.69
CA ARG B 21 -9.94 12.63 -21.51
C ARG B 21 -8.61 13.40 -21.45
N GLY B 22 -8.65 14.71 -21.73
CA GLY B 22 -7.49 15.58 -21.72
C GLY B 22 -6.85 15.76 -20.36
N LEU B 23 -7.68 15.80 -19.28
CA LEU B 23 -7.26 15.87 -17.87
C LEU B 23 -6.44 14.63 -17.49
N HIS B 24 -6.89 13.44 -17.91
CA HIS B 24 -6.21 12.18 -17.64
C HIS B 24 -4.90 12.04 -18.48
N HIS B 25 -4.86 12.62 -19.72
CA HIS B 25 -3.70 12.62 -20.62
C HIS B 25 -2.48 13.29 -19.97
N LEU B 26 -2.71 14.29 -19.10
CA LEU B 26 -1.70 15.01 -18.31
C LEU B 26 -0.90 14.00 -17.47
N VAL B 27 -1.62 13.04 -16.81
CA VAL B 27 -1.01 12.00 -15.99
C VAL B 27 -0.13 11.14 -16.89
N TRP B 28 -0.67 10.70 -18.05
CA TRP B 28 0.05 9.90 -19.04
C TRP B 28 1.29 10.57 -19.57
N GLU B 29 1.29 11.92 -19.72
CA GLU B 29 2.46 12.65 -20.21
C GLU B 29 3.60 12.68 -19.20
N ILE B 30 3.29 12.59 -17.88
CA ILE B 30 4.29 12.55 -16.82
C ILE B 30 4.77 11.10 -16.65
N VAL B 31 3.82 10.13 -16.48
CA VAL B 31 4.10 8.70 -16.37
C VAL B 31 4.98 8.20 -17.53
N ASP B 32 4.73 8.66 -18.78
CA ASP B 32 5.52 8.26 -19.96
C ASP B 32 7.01 8.56 -19.82
N ASN B 33 7.35 9.63 -19.12
CA ASN B 33 8.74 10.04 -18.87
C ASN B 33 9.42 9.08 -17.92
N SER B 34 8.70 8.65 -16.86
CA SER B 34 9.20 7.68 -15.90
C SER B 34 9.37 6.31 -16.60
N ILE B 35 8.44 5.95 -17.52
CA ILE B 35 8.52 4.73 -18.34
C ILE B 35 9.78 4.78 -19.20
N ASP B 36 10.05 5.94 -19.88
CA ASP B 36 11.25 6.13 -20.72
C ASP B 36 12.50 5.91 -19.88
N GLU B 37 12.52 6.50 -18.64
CA GLU B 37 13.63 6.38 -17.69
C GLU B 37 13.84 4.91 -17.25
N ALA B 38 12.76 4.11 -17.19
CA ALA B 38 12.83 2.68 -16.87
C ALA B 38 13.36 1.91 -18.08
N LEU B 39 12.86 2.23 -19.28
CA LEU B 39 13.32 1.57 -20.52
C LEU B 39 14.77 1.89 -20.79
N ALA B 40 15.25 3.08 -20.39
CA ALA B 40 16.67 3.48 -20.51
C ALA B 40 17.58 2.65 -19.61
N GLY B 41 17.02 2.03 -18.56
CA GLY B 41 17.71 1.14 -17.64
C GLY B 41 17.99 1.69 -16.26
N TYR B 42 17.28 2.76 -15.85
CA TYR B 42 17.60 3.43 -14.57
C TYR B 42 16.52 3.39 -13.52
N ALA B 43 15.28 3.33 -13.93
CA ALA B 43 14.17 3.31 -13.00
C ALA B 43 13.52 1.93 -13.07
N ASN B 44 12.87 1.52 -12.00
CA ASN B 44 12.14 0.25 -11.98
C ASN B 44 10.88 0.38 -11.11
N GLN B 45 10.68 1.58 -10.55
CA GLN B 45 9.54 1.88 -9.68
C GLN B 45 8.94 3.21 -10.02
N ILE B 46 7.62 3.18 -10.31
CA ILE B 46 6.82 4.35 -10.62
C ILE B 46 5.65 4.38 -9.61
N GLU B 47 5.36 5.55 -9.06
CA GLU B 47 4.26 5.73 -8.13
C GLU B 47 3.42 6.94 -8.55
N VAL B 48 2.09 6.70 -8.73
CA VAL B 48 1.09 7.68 -9.09
C VAL B 48 0.15 7.82 -7.90
N VAL B 49 0.05 9.03 -7.34
CA VAL B 49 -0.81 9.32 -6.19
C VAL B 49 -1.88 10.37 -6.52
N ILE B 50 -3.17 10.03 -6.33
CA ILE B 50 -4.24 11.04 -6.48
C ILE B 50 -4.34 11.58 -5.04
N GLU B 51 -3.83 12.78 -4.85
CA GLU B 51 -3.80 13.42 -3.54
C GLU B 51 -5.02 14.32 -3.40
N LYS B 52 -5.34 14.76 -2.17
CA LYS B 52 -6.44 15.67 -1.84
C LYS B 52 -6.47 16.89 -2.76
N ASP B 53 -7.69 17.32 -3.14
CA ASP B 53 -7.99 18.43 -4.05
C ASP B 53 -7.49 18.11 -5.47
N ASN B 54 -7.47 16.81 -5.81
CA ASN B 54 -7.10 16.22 -7.09
C ASN B 54 -5.77 16.70 -7.65
N TRP B 55 -4.73 16.66 -6.80
CA TRP B 55 -3.36 16.91 -7.21
C TRP B 55 -2.86 15.54 -7.60
N ILE B 56 -1.98 15.46 -8.60
CA ILE B 56 -1.38 14.18 -9.01
C ILE B 56 0.10 14.22 -8.63
N LYS B 57 0.61 13.15 -7.96
CA LYS B 57 2.04 13.06 -7.66
C LYS B 57 2.63 11.84 -8.36
N VAL B 58 3.57 12.07 -9.29
CA VAL B 58 4.24 10.98 -9.99
C VAL B 58 5.71 10.95 -9.49
N THR B 59 6.18 9.76 -9.07
CA THR B 59 7.51 9.52 -8.55
C THR B 59 8.16 8.34 -9.26
N ASP B 60 9.44 8.50 -9.60
CA ASP B 60 10.26 7.42 -10.14
C ASP B 60 11.59 7.38 -9.43
N ASN B 61 12.30 6.25 -9.58
CA ASN B 61 13.61 6.08 -8.95
C ASN B 61 14.70 6.01 -10.04
N GLY B 62 14.61 6.86 -11.06
CA GLY B 62 15.59 6.95 -12.13
C GLY B 62 16.73 7.87 -11.72
N ARG B 63 17.47 8.42 -12.68
CA ARG B 63 18.61 9.30 -12.44
C ARG B 63 18.29 10.67 -11.83
N GLY B 64 17.05 11.12 -11.94
CA GLY B 64 16.65 12.46 -11.50
C GLY B 64 16.87 13.38 -12.69
N ILE B 65 15.88 14.25 -13.03
CA ILE B 65 16.02 15.18 -14.16
C ILE B 65 17.32 16.02 -13.94
N PRO B 66 18.22 16.19 -14.97
CA PRO B 66 19.46 16.97 -14.72
C PRO B 66 19.20 18.39 -14.22
N VAL B 67 20.10 18.89 -13.37
CA VAL B 67 19.99 20.21 -12.73
C VAL B 67 21.12 21.19 -13.11
N ASP B 68 22.06 20.73 -13.93
CA ASP B 68 23.20 21.50 -14.39
C ASP B 68 22.74 22.67 -15.25
N ILE B 69 23.46 23.80 -15.13
CA ILE B 69 23.17 25.05 -15.83
C ILE B 69 23.49 24.94 -17.32
N GLN B 70 22.49 25.30 -18.14
CA GLN B 70 22.61 25.27 -19.58
C GLN B 70 23.44 26.45 -20.08
N GLU B 71 24.15 26.25 -21.19
CA GLU B 71 24.96 27.30 -21.81
C GLU B 71 24.02 28.28 -22.55
N LYS B 72 23.11 27.74 -23.38
CA LYS B 72 22.15 28.52 -24.20
C LYS B 72 21.10 29.30 -23.39
N MET B 73 20.76 28.81 -22.19
CA MET B 73 19.76 29.50 -21.37
C MET B 73 20.39 30.23 -20.18
N GLY B 74 21.31 29.54 -19.48
CA GLY B 74 21.93 30.02 -18.26
C GLY B 74 21.05 29.57 -17.10
N ARG B 75 20.10 28.68 -17.40
CA ARG B 75 19.11 28.13 -16.47
C ARG B 75 19.34 26.62 -16.24
N PRO B 76 19.01 26.08 -15.04
CA PRO B 76 19.17 24.61 -14.82
C PRO B 76 18.40 23.80 -15.85
N ALA B 77 18.97 22.66 -16.30
CA ALA B 77 18.31 21.76 -17.26
C ALA B 77 16.84 21.45 -16.90
N VAL B 78 16.55 21.17 -15.61
CA VAL B 78 15.18 20.87 -15.14
C VAL B 78 14.20 22.05 -15.39
N GLU B 79 14.65 23.30 -15.16
CA GLU B 79 13.82 24.50 -15.41
C GLU B 79 13.54 24.64 -16.90
N VAL B 80 14.54 24.38 -17.75
CA VAL B 80 14.40 24.43 -19.23
C VAL B 80 13.36 23.39 -19.66
N ILE B 81 13.49 22.17 -19.15
CA ILE B 81 12.59 21.04 -19.46
C ILE B 81 11.15 21.33 -19.03
N LEU B 82 10.96 21.81 -17.80
CA LEU B 82 9.64 22.11 -17.26
C LEU B 82 8.98 23.36 -17.86
N THR B 83 9.74 24.35 -18.29
CA THR B 83 9.15 25.54 -18.92
C THR B 83 8.75 25.30 -20.37
N SER B 84 9.02 24.09 -20.91
CA SER B 84 8.62 23.70 -22.26
C SER B 84 7.59 22.54 -22.18
N SER B 85 7.17 22.20 -20.95
CA SER B 85 6.23 21.13 -20.61
C SER B 85 4.79 21.60 -20.72
N VAL B 86 4.01 20.84 -21.50
CA VAL B 86 2.58 21.06 -21.75
C VAL B 86 1.81 20.89 -20.43
N VAL B 87 2.17 19.86 -19.62
CA VAL B 87 1.54 19.57 -18.32
C VAL B 87 1.74 20.78 -17.43
N ASN B 88 2.96 21.33 -17.42
CA ASN B 88 3.31 22.50 -16.65
C ASN B 88 2.52 23.74 -17.06
N ALA B 89 2.41 23.99 -18.38
CA ALA B 89 1.61 25.07 -18.96
C ALA B 89 0.14 24.96 -18.59
N LEU B 90 -0.40 23.74 -18.50
CA LEU B 90 -1.82 23.48 -18.24
C LEU B 90 -2.15 23.21 -16.76
N SER B 91 -1.17 23.45 -15.86
CA SER B 91 -1.33 23.25 -14.42
C SER B 91 -1.35 24.60 -13.73
N GLN B 92 -2.35 24.84 -12.86
CA GLN B 92 -2.39 26.11 -12.10
C GLN B 92 -1.24 26.18 -11.13
N ASP B 93 -0.74 24.98 -10.70
CA ASP B 93 0.41 24.75 -9.83
C ASP B 93 1.08 23.45 -10.20
N LEU B 94 2.42 23.47 -10.16
CA LEU B 94 3.28 22.31 -10.40
C LEU B 94 4.55 22.47 -9.58
N GLU B 95 5.01 21.36 -8.98
CA GLU B 95 6.23 21.30 -8.18
C GLU B 95 7.13 20.19 -8.68
N VAL B 96 8.45 20.41 -8.60
CA VAL B 96 9.41 19.39 -8.95
C VAL B 96 10.36 19.19 -7.76
N TYR B 97 10.74 17.93 -7.53
CA TYR B 97 11.74 17.52 -6.57
C TYR B 97 12.66 16.57 -7.28
N VAL B 98 13.95 16.91 -7.33
CA VAL B 98 14.93 16.07 -7.98
C VAL B 98 15.88 15.60 -6.91
N HIS B 99 16.00 14.27 -6.79
CA HIS B 99 16.94 13.57 -5.91
C HIS B 99 18.10 13.20 -6.84
N ARG B 100 19.23 13.94 -6.74
CA ARG B 100 20.40 13.78 -7.62
C ARG B 100 21.60 14.40 -6.96
N ASN B 101 22.80 13.78 -7.11
CA ASN B 101 24.05 14.29 -6.53
C ASN B 101 23.94 14.39 -4.99
N GLU B 102 23.22 13.46 -4.37
CA GLU B 102 23.01 13.39 -2.92
C GLU B 102 22.22 14.61 -2.37
N THR B 103 21.62 15.41 -3.27
CA THR B 103 20.88 16.63 -2.99
C THR B 103 19.44 16.52 -3.42
N ILE B 104 18.56 17.28 -2.74
CA ILE B 104 17.15 17.40 -3.07
C ILE B 104 16.99 18.83 -3.59
N TYR B 105 16.57 18.95 -4.84
CA TYR B 105 16.36 20.22 -5.52
C TYR B 105 14.88 20.43 -5.69
N HIS B 106 14.43 21.68 -5.57
CA HIS B 106 13.02 22.00 -5.67
C HIS B 106 12.75 23.25 -6.46
N GLN B 107 11.66 23.22 -7.24
CA GLN B 107 11.16 24.37 -7.98
C GLN B 107 9.65 24.22 -8.08
N ALA B 108 8.94 25.35 -7.99
CA ALA B 108 7.50 25.40 -8.16
C ALA B 108 7.19 26.40 -9.28
N TYR B 109 6.09 26.13 -10.00
CA TYR B 109 5.59 26.90 -11.14
C TYR B 109 4.09 27.15 -10.95
N LYS B 110 3.58 28.20 -11.62
CA LYS B 110 2.17 28.57 -11.66
C LYS B 110 1.89 28.87 -13.14
N LYS B 111 1.09 28.04 -13.81
CA LYS B 111 0.77 28.13 -15.24
C LYS B 111 2.05 28.11 -16.11
N GLY B 112 2.98 27.22 -15.73
CA GLY B 112 4.26 27.03 -16.39
C GLY B 112 5.36 28.02 -16.03
N VAL B 113 5.02 29.07 -15.25
CA VAL B 113 5.93 30.14 -14.86
C VAL B 113 6.64 29.80 -13.52
N PRO B 114 8.01 29.79 -13.48
CA PRO B 114 8.73 29.50 -12.22
C PRO B 114 8.45 30.53 -11.11
N GLN B 115 8.16 30.06 -9.89
CA GLN B 115 7.87 30.97 -8.77
C GLN B 115 9.14 31.41 -8.03
N PHE B 116 10.24 30.66 -8.22
CA PHE B 116 11.55 30.93 -7.63
C PHE B 116 12.59 30.09 -8.36
N ASP B 117 13.88 30.40 -8.17
CA ASP B 117 14.97 29.62 -8.77
C ASP B 117 15.10 28.29 -8.05
N LEU B 118 15.55 27.27 -8.78
CA LEU B 118 15.79 25.92 -8.27
C LEU B 118 16.63 26.02 -7.02
N LYS B 119 16.16 25.41 -5.92
CA LYS B 119 16.90 25.47 -4.67
C LYS B 119 17.16 24.11 -4.08
N GLU B 120 18.29 23.99 -3.37
CA GLU B 120 18.65 22.79 -2.62
C GLU B 120 17.87 22.89 -1.33
N VAL B 121 17.10 21.87 -1.02
CA VAL B 121 16.20 21.86 0.14
C VAL B 121 16.51 20.71 1.10
N GLY B 122 17.45 19.84 0.72
CA GLY B 122 17.85 18.69 1.53
C GLY B 122 18.89 17.79 0.90
N THR B 123 19.16 16.67 1.60
CA THR B 123 20.14 15.65 1.25
C THR B 123 19.41 14.34 0.99
N THR B 124 20.01 13.44 0.18
CA THR B 124 19.43 12.16 -0.15
C THR B 124 20.51 11.13 -0.54
N ASP B 125 20.20 9.84 -0.34
CA ASP B 125 21.03 8.70 -0.71
C ASP B 125 20.35 8.01 -1.94
N LYS B 126 19.16 8.52 -2.37
CA LYS B 126 18.44 7.99 -3.51
C LYS B 126 18.55 8.91 -4.73
N THR B 127 18.07 8.44 -5.88
CA THR B 127 17.97 9.23 -7.10
C THR B 127 16.52 9.14 -7.58
N GLY B 128 16.09 10.08 -8.39
CA GLY B 128 14.75 10.07 -8.92
C GLY B 128 14.15 11.45 -9.04
N THR B 129 12.95 11.50 -9.64
CA THR B 129 12.17 12.71 -9.86
C THR B 129 10.76 12.54 -9.26
N VAL B 130 10.24 13.64 -8.68
CA VAL B 130 8.90 13.78 -8.14
C VAL B 130 8.29 14.99 -8.87
N ILE B 131 7.10 14.80 -9.47
CA ILE B 131 6.30 15.84 -10.11
C ILE B 131 4.88 15.83 -9.50
N ARG B 132 4.49 16.92 -8.83
CA ARG B 132 3.16 17.14 -8.26
C ARG B 132 2.54 18.24 -9.07
N PHE B 133 1.28 18.08 -9.51
CA PHE B 133 0.57 19.12 -10.27
C PHE B 133 -0.92 19.12 -10.02
N LYS B 134 -1.49 20.33 -10.10
CA LYS B 134 -2.90 20.63 -9.94
C LYS B 134 -3.34 21.25 -11.28
N ALA B 135 -4.09 20.47 -12.08
CA ALA B 135 -4.60 20.88 -13.40
C ALA B 135 -5.32 22.22 -13.32
N ASP B 136 -5.09 23.11 -14.30
CA ASP B 136 -5.71 24.43 -14.31
C ASP B 136 -7.20 24.29 -14.58
N GLY B 137 -8.04 24.73 -13.64
CA GLY B 137 -9.50 24.73 -13.76
C GLY B 137 -9.95 25.68 -14.85
N GLU B 138 -9.20 26.79 -15.08
CA GLU B 138 -9.56 27.72 -16.13
C GLU B 138 -9.34 27.13 -17.56
N ILE B 139 -8.65 25.97 -17.67
CA ILE B 139 -8.44 25.20 -18.90
C ILE B 139 -9.40 23.99 -18.97
N PHE B 140 -9.45 23.16 -17.87
CA PHE B 140 -10.29 21.96 -17.75
C PHE B 140 -11.65 22.32 -17.14
N THR B 141 -12.40 23.08 -17.95
CA THR B 141 -13.72 23.69 -17.77
C THR B 141 -14.78 22.76 -17.20
N GLU B 142 -14.81 21.54 -17.74
CA GLU B 142 -15.72 20.45 -17.47
C GLU B 142 -15.54 19.79 -16.08
N THR B 143 -14.37 19.18 -15.82
CA THR B 143 -14.02 18.49 -14.59
C THR B 143 -12.51 18.56 -14.35
N THR B 144 -12.12 18.60 -13.08
CA THR B 144 -10.74 18.55 -12.62
C THR B 144 -10.63 17.37 -11.67
N VAL B 145 -11.69 16.53 -11.62
CA VAL B 145 -11.76 15.36 -10.75
C VAL B 145 -11.27 14.13 -11.49
N TYR B 146 -10.22 13.50 -10.97
CA TYR B 146 -9.71 12.26 -11.55
C TYR B 146 -10.61 11.02 -11.31
N ASN B 147 -10.57 10.07 -12.26
CA ASN B 147 -11.31 8.82 -12.18
C ASN B 147 -10.32 7.69 -11.92
N TYR B 148 -10.44 7.05 -10.74
CA TYR B 148 -9.56 5.97 -10.29
C TYR B 148 -9.48 4.80 -11.28
N GLU B 149 -10.63 4.28 -11.71
CA GLU B 149 -10.77 3.19 -12.67
C GLU B 149 -10.07 3.49 -14.01
N THR B 150 -10.21 4.74 -14.51
CA THR B 150 -9.52 5.20 -15.71
C THR B 150 -7.99 5.13 -15.54
N LEU B 151 -7.46 5.59 -14.41
CA LEU B 151 -6.00 5.56 -14.12
C LEU B 151 -5.48 4.18 -13.86
N GLN B 152 -6.25 3.38 -13.12
CA GLN B 152 -5.92 2.00 -12.79
C GLN B 152 -5.86 1.10 -14.02
N GLN B 153 -6.88 1.12 -14.88
CA GLN B 153 -6.90 0.31 -16.10
C GLN B 153 -5.67 0.60 -16.98
N ARG B 154 -5.28 1.85 -17.11
CA ARG B 154 -4.12 2.22 -17.91
C ARG B 154 -2.78 1.94 -17.21
N ILE B 155 -2.71 2.10 -15.87
CA ILE B 155 -1.50 1.82 -15.12
C ILE B 155 -1.17 0.31 -15.21
N ARG B 156 -2.22 -0.56 -15.14
CA ARG B 156 -2.11 -2.02 -15.25
C ARG B 156 -1.64 -2.44 -16.65
N GLU B 157 -2.17 -1.79 -17.68
CA GLU B 157 -1.82 -1.99 -19.07
C GLU B 157 -0.33 -1.65 -19.23
N LEU B 158 0.12 -0.46 -18.75
CA LEU B 158 1.51 0.01 -18.79
C LEU B 158 2.45 -0.97 -18.10
N ALA B 159 2.06 -1.48 -16.91
CA ALA B 159 2.86 -2.47 -16.16
C ALA B 159 2.98 -3.80 -16.93
N PHE B 160 1.86 -4.24 -17.55
CA PHE B 160 1.78 -5.41 -18.40
C PHE B 160 2.58 -5.25 -19.72
N LEU B 161 2.69 -4.01 -20.26
CA LEU B 161 3.39 -3.71 -21.52
C LEU B 161 4.87 -3.51 -21.31
N ASN B 162 5.26 -3.07 -20.09
CA ASN B 162 6.64 -2.77 -19.66
C ASN B 162 6.92 -3.59 -18.41
N LYS B 163 7.11 -4.89 -18.68
CA LYS B 163 7.32 -5.90 -17.64
C LYS B 163 8.58 -5.63 -16.85
N GLY B 164 8.49 -5.85 -15.53
CA GLY B 164 9.61 -5.64 -14.62
C GLY B 164 9.56 -4.30 -13.91
N ILE B 165 8.75 -3.35 -14.41
CA ILE B 165 8.61 -2.05 -13.77
C ILE B 165 7.44 -2.12 -12.78
N GLN B 166 7.69 -1.71 -11.54
CA GLN B 166 6.64 -1.71 -10.53
C GLN B 166 5.90 -0.41 -10.60
N ILE B 167 4.60 -0.47 -10.96
CA ILE B 167 3.78 0.74 -11.04
C ILE B 167 2.67 0.67 -10.01
N THR B 168 2.63 1.69 -9.12
CA THR B 168 1.68 1.80 -8.01
C THR B 168 0.75 3.00 -8.18
N LEU B 169 -0.55 2.78 -7.97
CA LEU B 169 -1.57 3.82 -7.96
C LEU B 169 -2.22 3.87 -6.57
N ARG B 170 -2.29 5.08 -6.01
CA ARG B 170 -2.88 5.29 -4.69
C ARG B 170 -3.84 6.45 -4.72
N ASP B 171 -5.00 6.27 -4.08
CA ASP B 171 -5.99 7.32 -3.97
C ASP B 171 -6.05 7.76 -2.50
N GLU B 172 -5.55 8.97 -2.25
CA GLU B 172 -5.47 9.59 -0.94
C GLU B 172 -6.45 10.77 -0.76
N ARG B 173 -7.38 10.93 -1.69
CA ARG B 173 -8.38 12.01 -1.66
C ARG B 173 -9.26 11.96 -0.43
N ASP B 174 -9.56 10.72 0.04
CA ASP B 174 -10.33 10.45 1.24
C ASP B 174 -9.33 9.78 2.16
N GLU B 175 -8.81 10.54 3.12
CA GLU B 175 -7.78 10.08 4.09
C GLU B 175 -8.26 8.93 5.03
N GLU B 176 -9.60 8.75 5.16
CA GLU B 176 -10.20 7.69 5.98
C GLU B 176 -10.37 6.39 5.21
N ASN B 177 -10.17 6.42 3.90
CA ASN B 177 -10.38 5.29 3.00
C ASN B 177 -9.41 5.44 1.84
N VAL B 178 -8.19 4.96 2.06
CA VAL B 178 -7.12 5.06 1.08
C VAL B 178 -7.14 3.73 0.32
N ARG B 179 -7.04 3.81 -0.99
CA ARG B 179 -7.06 2.67 -1.89
C ARG B 179 -5.76 2.62 -2.68
N GLU B 180 -5.17 1.43 -2.80
CA GLU B 180 -3.92 1.23 -3.50
C GLU B 180 -3.93 -0.04 -4.35
N ASP B 181 -3.41 0.09 -5.57
CA ASP B 181 -3.25 -1.01 -6.52
C ASP B 181 -1.82 -0.98 -7.02
N SER B 182 -1.07 -2.05 -6.75
CA SER B 182 0.33 -2.14 -7.17
C SER B 182 0.54 -3.25 -8.20
N TYR B 183 1.11 -2.89 -9.35
CA TYR B 183 1.33 -3.79 -10.48
C TYR B 183 2.82 -4.02 -10.72
N HIS B 184 3.19 -5.28 -11.00
CA HIS B 184 4.57 -5.68 -11.25
C HIS B 184 4.60 -7.00 -12.00
N TYR B 185 4.60 -6.93 -13.32
CA TYR B 185 4.63 -8.15 -14.12
C TYR B 185 6.04 -8.66 -14.26
N GLU B 186 6.21 -9.99 -14.26
CA GLU B 186 7.51 -10.64 -14.34
C GLU B 186 8.15 -10.53 -15.71
#